data_4XB3
#
_entry.id   4XB3
#
_cell.length_a   72.151
_cell.length_b   82.550
_cell.length_c   103.559
_cell.angle_alpha   90.00
_cell.angle_beta   90.00
_cell.angle_gamma   90.00
#
_symmetry.space_group_name_H-M   'P 21 21 21'
#
loop_
_entity.id
_entity.type
_entity.pdbx_description
1 polymer 'Glucan 1,6-alpha-glucosidase'
2 non-polymer 'CALCIUM ION'
3 non-polymer 'HEXAETHYLENE GLYCOL'
4 water water
#
_entity_poly.entity_id   1
_entity_poly.type   'polypeptide(L)'
_entity_poly.pdbx_seq_one_letter_code
;MQKHWWHKATVYQIYPKSFMDTNGDGIGDLKGITSKLDYLQKLGVMAIWLSPVYDSPMDDNGYDIANYEAIADIFGNMAD
MDNLLTQAKMRGIKIIMDLVVNHTSDEHAWFIEAREHPDSSERDYYIWCDQPNDLESIFGGSAWQYDDKSDQYYLHFFSK
KQPDLNWENANLRQKIYDMMNFWIDKGIGGFRMDVIDMIGKIPAQHIVSNGPKLHAYLKEMNAASFGQHDLLTVGQTWGA
TPEIAKQYSNPVNHELSMVFQFEHIGLQHKPEAPKWDYVKELNVPALKTIFNKWQTELELGQGWNSLFWNNHDLPRVLSI
WGNTGKYREKSAKALAILLHLMRGTPYIYQGEEIGMTNYPFKDLNELDDIESLNYAKEAFTNGKSMETIMDSIRMIGRDN
ARTPMQWDASQNAGFSTADKTWLPVNPNYKDINVQAALKNSNSIFYTYQQLIQLRKENDWLVDADFELLPTADKVFAYLR
KVREERYLIVVNVSDQEEVLEIDVDKQETLISNTNESAALANHKLQPWDAFCIKIL
;
_entity_poly.pdbx_strand_id   A
#
loop_
_chem_comp.id
_chem_comp.type
_chem_comp.name
_chem_comp.formula
CA non-polymer 'CALCIUM ION' 'Ca 2'
P6G non-polymer 'HEXAETHYLENE GLYCOL' 'C12 H26 O7'
#
# COMPACT_ATOMS: atom_id res chain seq x y z
N MET A 1 -5.38 21.85 14.62
CA MET A 1 -4.83 20.50 14.61
C MET A 1 -3.35 20.51 15.02
N GLN A 2 -3.02 19.66 16.00
CA GLN A 2 -1.64 19.51 16.43
C GLN A 2 -0.83 18.84 15.32
N LYS A 3 0.28 19.47 14.94
CA LYS A 3 1.10 18.95 13.85
C LYS A 3 2.16 17.97 14.36
N HIS A 4 2.33 16.88 13.63
CA HIS A 4 3.42 15.94 13.89
C HIS A 4 4.34 15.91 12.68
N TRP A 5 5.49 15.25 12.83
CA TRP A 5 6.46 15.15 11.76
C TRP A 5 5.84 14.58 10.48
N TRP A 6 5.04 13.53 10.64
CA TRP A 6 4.52 12.79 9.50
C TRP A 6 3.47 13.57 8.71
N HIS A 7 3.08 14.73 9.21
CA HIS A 7 2.19 15.61 8.46
C HIS A 7 2.92 16.22 7.27
N LYS A 8 4.25 16.20 7.31
CA LYS A 8 5.02 16.70 6.17
C LYS A 8 5.69 15.56 5.40
N ALA A 9 5.43 14.33 5.83
CA ALA A 9 6.14 13.17 5.31
C ALA A 9 5.49 12.57 4.07
N THR A 10 6.33 12.00 3.22
CA THR A 10 5.87 11.10 2.17
C THR A 10 6.46 9.72 2.48
N VAL A 11 5.65 8.69 2.37
CA VAL A 11 6.09 7.34 2.71
C VAL A 11 6.41 6.53 1.45
N TYR A 12 7.48 5.75 1.51
CA TYR A 12 7.91 4.91 0.41
C TYR A 12 7.81 3.44 0.81
N GLN A 13 7.02 2.66 0.10
CA GLN A 13 6.87 1.25 0.44
C GLN A 13 7.90 0.38 -0.27
N ILE A 14 8.64 -0.39 0.52
CA ILE A 14 9.59 -1.35 -0.02
C ILE A 14 9.06 -2.77 0.14
N TYR A 15 9.06 -3.51 -0.96
CA TYR A 15 8.75 -4.94 -0.92
C TYR A 15 10.08 -5.69 -0.94
N PRO A 16 10.54 -6.13 0.23
CA PRO A 16 11.93 -6.58 0.47
C PRO A 16 12.42 -7.64 -0.52
N LYS A 17 11.58 -8.59 -0.89
CA LYS A 17 12.00 -9.64 -1.83
C LYS A 17 12.33 -9.08 -3.21
N SER A 18 11.82 -7.89 -3.50
CA SER A 18 11.90 -7.36 -4.86
C SER A 18 12.59 -6.00 -4.96
N PHE A 19 13.30 -5.59 -3.92
CA PHE A 19 13.95 -4.28 -3.95
C PHE A 19 15.39 -4.39 -4.45
N MET A 20 16.25 -5.06 -3.69
CA MET A 20 17.65 -5.21 -4.10
C MET A 20 18.32 -6.44 -3.51
N ASP A 21 18.86 -7.28 -4.40
CA ASP A 21 19.55 -8.51 -4.02
C ASP A 21 21.05 -8.29 -4.00
N THR A 22 21.70 -8.64 -2.89
CA THR A 22 23.14 -8.43 -2.77
C THR A 22 23.96 -9.70 -2.57
N ASN A 23 23.34 -10.87 -2.75
CA ASN A 23 24.09 -12.11 -2.62
C ASN A 23 23.72 -13.17 -3.65
N GLY A 24 23.07 -12.75 -4.72
CA GLY A 24 22.84 -13.61 -5.88
C GLY A 24 21.96 -14.83 -5.70
N ASP A 25 20.94 -14.72 -4.85
CA ASP A 25 19.94 -15.78 -4.75
C ASP A 25 18.67 -15.37 -5.50
N GLY A 26 18.74 -14.24 -6.18
CA GLY A 26 17.60 -13.73 -6.95
C GLY A 26 16.50 -13.16 -6.09
N ILE A 27 16.80 -12.94 -4.81
CA ILE A 27 15.82 -12.41 -3.86
C ILE A 27 16.38 -11.20 -3.13
N GLY A 28 15.58 -10.14 -3.02
CA GLY A 28 16.01 -8.94 -2.32
C GLY A 28 16.26 -9.18 -0.84
N ASP A 29 17.14 -8.37 -0.27
CA ASP A 29 17.49 -8.50 1.15
C ASP A 29 17.71 -7.14 1.79
N LEU A 30 17.94 -7.15 3.11
CA LEU A 30 18.08 -5.91 3.88
C LEU A 30 19.28 -5.07 3.47
N LYS A 31 20.40 -5.74 3.19
CA LYS A 31 21.62 -5.06 2.80
C LYS A 31 21.44 -4.28 1.50
N GLY A 32 20.59 -4.78 0.62
CA GLY A 32 20.28 -4.07 -0.62
C GLY A 32 19.55 -2.77 -0.37
N ILE A 33 18.51 -2.85 0.45
CA ILE A 33 17.75 -1.69 0.89
C ILE A 33 18.68 -0.63 1.46
N THR A 34 19.48 -1.05 2.45
CA THR A 34 20.45 -0.17 3.08
C THR A 34 21.39 0.43 2.05
N SER A 35 21.72 -0.35 1.01
CA SER A 35 22.61 0.13 -0.03
C SER A 35 21.94 1.19 -0.91
N LYS A 36 20.61 1.19 -0.97
CA LYS A 36 19.90 2.15 -1.82
C LYS A 36 19.24 3.32 -1.05
N LEU A 37 19.53 3.36 0.25
CA LEU A 37 19.08 4.48 1.08
C LEU A 37 19.43 5.88 0.57
N ASP A 38 20.58 6.04 -0.09
CA ASP A 38 20.95 7.35 -0.63
C ASP A 38 20.00 7.76 -1.75
N TYR A 39 19.64 6.81 -2.59
CA TYR A 39 18.65 7.03 -3.62
C TYR A 39 17.34 7.48 -2.99
N LEU A 40 16.94 6.78 -1.94
CA LEU A 40 15.70 7.16 -1.26
C LEU A 40 15.77 8.55 -0.63
N GLN A 41 16.96 8.94 -0.17
CA GLN A 41 17.15 10.26 0.41
C GLN A 41 17.08 11.34 -0.67
N LYS A 42 17.58 11.02 -1.85
CA LYS A 42 17.51 11.95 -2.97
C LYS A 42 16.05 12.13 -3.40
N LEU A 43 15.28 11.06 -3.34
CA LEU A 43 13.84 11.16 -3.63
C LEU A 43 13.16 12.09 -2.61
N GLY A 44 13.60 11.99 -1.36
CA GLY A 44 13.14 12.90 -0.32
C GLY A 44 12.08 12.34 0.61
N VAL A 45 11.82 11.04 0.52
CA VAL A 45 10.84 10.41 1.41
C VAL A 45 11.33 10.44 2.85
N MET A 46 10.40 10.50 3.79
CA MET A 46 10.72 10.69 5.20
C MET A 46 10.58 9.37 5.98
N ALA A 47 9.97 8.38 5.36
CA ALA A 47 9.75 7.10 6.01
C ALA A 47 9.62 5.95 5.01
N ILE A 48 10.03 4.76 5.44
CA ILE A 48 9.90 3.57 4.63
C ILE A 48 8.92 2.57 5.26
N TRP A 49 7.80 2.32 4.59
CA TRP A 49 6.95 1.20 4.97
C TRP A 49 7.62 -0.07 4.45
N LEU A 50 8.23 -0.81 5.36
CA LEU A 50 8.87 -2.06 5.00
C LEU A 50 7.91 -3.23 5.16
N SER A 51 7.56 -3.86 4.05
CA SER A 51 6.79 -5.09 4.07
C SER A 51 7.56 -6.14 4.88
N PRO A 52 6.85 -7.10 5.49
CA PRO A 52 7.41 -8.02 6.50
C PRO A 52 8.75 -8.65 6.14
N VAL A 53 9.70 -8.57 7.08
CA VAL A 53 10.99 -9.22 6.91
C VAL A 53 11.23 -10.23 8.04
N TYR A 54 10.15 -10.55 8.76
CA TYR A 54 10.23 -11.45 9.90
C TYR A 54 10.37 -12.91 9.45
N ASP A 55 10.74 -13.77 10.39
CA ASP A 55 10.81 -15.21 10.14
C ASP A 55 9.47 -15.71 9.60
N SER A 56 9.53 -16.41 8.47
CA SER A 56 8.32 -16.78 7.75
C SER A 56 8.58 -17.89 6.73
N PRO A 57 7.66 -18.86 6.65
CA PRO A 57 7.70 -19.91 5.62
C PRO A 57 7.40 -19.37 4.22
N MET A 58 7.02 -18.09 4.15
CA MET A 58 6.80 -17.37 2.89
C MET A 58 5.65 -17.94 2.04
N ASP A 59 4.66 -18.53 2.69
CA ASP A 59 3.49 -19.03 1.97
C ASP A 59 2.60 -17.87 1.54
N ASP A 60 2.72 -16.75 2.24
CA ASP A 60 2.12 -15.50 1.81
C ASP A 60 3.21 -14.43 1.81
N ASN A 61 4.44 -14.87 1.55
CA ASN A 61 5.61 -14.00 1.43
C ASN A 61 5.77 -12.98 2.56
N GLY A 62 5.86 -13.45 3.78
CA GLY A 62 6.14 -12.59 4.91
C GLY A 62 4.93 -12.30 5.79
N TYR A 63 3.74 -12.36 5.20
CA TYR A 63 2.52 -12.08 5.95
C TYR A 63 2.02 -13.34 6.67
N ASP A 64 2.84 -14.39 6.64
CA ASP A 64 2.64 -15.56 7.47
C ASP A 64 3.86 -15.70 8.39
N ILE A 65 3.79 -15.05 9.56
CA ILE A 65 4.96 -14.88 10.42
C ILE A 65 5.12 -16.00 11.44
N ALA A 66 6.31 -16.60 11.48
CA ALA A 66 6.61 -17.67 12.42
C ALA A 66 7.35 -17.14 13.65
N ASN A 67 7.88 -15.94 13.54
CA ASN A 67 8.55 -15.29 14.67
C ASN A 67 8.62 -13.78 14.46
N TYR A 68 7.89 -13.03 15.29
CA TYR A 68 7.82 -11.59 15.16
C TYR A 68 9.11 -10.88 15.54
N GLU A 69 10.01 -11.59 16.20
CA GLU A 69 11.22 -10.95 16.74
C GLU A 69 12.49 -11.57 16.16
N ALA A 70 12.39 -12.14 14.97
CA ALA A 70 13.54 -12.65 14.24
C ALA A 70 13.40 -12.34 12.76
N ILE A 71 14.53 -12.07 12.11
CA ILE A 71 14.53 -11.77 10.69
C ILE A 71 14.62 -13.07 9.89
N ALA A 72 13.82 -13.17 8.83
CA ALA A 72 13.89 -14.33 7.94
C ALA A 72 15.29 -14.44 7.33
N ASP A 73 15.83 -15.64 7.33
CA ASP A 73 17.20 -15.89 6.86
C ASP A 73 17.43 -15.36 5.44
N ILE A 74 16.39 -15.40 4.62
CA ILE A 74 16.48 -14.95 3.23
C ILE A 74 16.73 -13.43 3.13
N PHE A 75 16.37 -12.70 4.17
CA PHE A 75 16.54 -11.25 4.19
C PHE A 75 17.82 -10.84 4.89
N GLY A 76 18.40 -11.77 5.65
CA GLY A 76 19.60 -11.51 6.43
C GLY A 76 19.39 -11.87 7.88
N ASN A 77 19.87 -11.02 8.77
CA ASN A 77 19.68 -11.22 10.21
C ASN A 77 19.36 -9.90 10.92
N MET A 78 19.26 -9.96 12.25
CA MET A 78 18.87 -8.80 13.04
C MET A 78 19.90 -7.67 12.92
N ALA A 79 21.17 -8.04 12.75
CA ALA A 79 22.22 -7.04 12.58
C ALA A 79 21.95 -6.18 11.34
N ASP A 80 21.48 -6.83 10.28
CA ASP A 80 21.11 -6.14 9.04
C ASP A 80 19.96 -5.18 9.27
N MET A 81 18.98 -5.63 10.07
CA MET A 81 17.83 -4.80 10.40
C MET A 81 18.26 -3.55 11.17
N ASP A 82 19.10 -3.75 12.18
CA ASP A 82 19.63 -2.67 12.99
C ASP A 82 20.40 -1.68 12.11
N ASN A 83 21.23 -2.20 11.23
CA ASN A 83 22.00 -1.36 10.32
C ASN A 83 21.07 -0.57 9.40
N LEU A 84 19.98 -1.19 8.95
CA LEU A 84 19.00 -0.48 8.14
C LEU A 84 18.40 0.68 8.92
N LEU A 85 18.01 0.41 10.15
CA LEU A 85 17.45 1.43 11.04
C LEU A 85 18.41 2.62 11.21
N THR A 86 19.66 2.31 11.54
CA THR A 86 20.65 3.35 11.83
C THR A 86 21.02 4.16 10.58
N GLN A 87 21.27 3.49 9.47
CA GLN A 87 21.63 4.18 8.23
C GLN A 87 20.48 5.05 7.74
N ALA A 88 19.26 4.50 7.76
CA ALA A 88 18.08 5.26 7.38
C ALA A 88 17.93 6.49 8.27
N LYS A 89 18.16 6.29 9.57
CA LYS A 89 18.15 7.38 10.54
C LYS A 89 19.15 8.47 10.14
N MET A 90 20.35 8.03 9.74
CA MET A 90 21.39 8.95 9.31
C MET A 90 20.98 9.74 8.08
N ARG A 91 20.15 9.14 7.24
CA ARG A 91 19.70 9.84 6.03
C ARG A 91 18.32 10.46 6.18
N GLY A 92 17.89 10.66 7.42
CA GLY A 92 16.63 11.33 7.72
C GLY A 92 15.40 10.53 7.38
N ILE A 93 15.52 9.21 7.47
CA ILE A 93 14.43 8.31 7.09
C ILE A 93 14.05 7.36 8.22
N LYS A 94 12.77 7.31 8.54
CA LYS A 94 12.27 6.41 9.57
C LYS A 94 11.81 5.09 8.97
N ILE A 95 11.87 4.02 9.75
CA ILE A 95 11.39 2.73 9.28
C ILE A 95 10.03 2.42 9.90
N ILE A 96 9.05 2.21 9.03
CA ILE A 96 7.72 1.79 9.46
C ILE A 96 7.58 0.29 9.20
N MET A 97 7.46 -0.48 10.28
CA MET A 97 7.39 -1.92 10.16
C MET A 97 5.97 -2.38 9.84
N ASP A 98 5.87 -3.49 9.12
CA ASP A 98 4.56 -4.06 8.81
C ASP A 98 4.09 -4.91 9.98
N LEU A 99 3.00 -4.49 10.61
CA LEU A 99 2.43 -5.19 11.76
C LEU A 99 1.35 -6.16 11.32
N VAL A 100 1.64 -7.45 11.40
CA VAL A 100 0.70 -8.48 10.96
C VAL A 100 0.24 -9.35 12.13
N VAL A 101 -0.84 -8.94 12.78
CA VAL A 101 -1.25 -9.57 14.03
C VAL A 101 -2.70 -10.07 14.05
N ASN A 102 -3.32 -10.16 12.87
CA ASN A 102 -4.63 -10.81 12.78
C ASN A 102 -4.45 -12.32 12.72
N HIS A 103 -3.24 -12.73 12.36
CA HIS A 103 -2.92 -14.14 12.17
C HIS A 103 -1.42 -14.35 12.23
N THR A 104 -1.00 -15.59 12.48
CA THR A 104 0.41 -15.94 12.42
C THR A 104 0.60 -17.05 11.40
N SER A 105 1.85 -17.45 11.20
CA SER A 105 2.11 -18.68 10.46
C SER A 105 1.68 -19.87 11.30
N ASP A 106 1.38 -20.98 10.65
CA ASP A 106 1.07 -22.21 11.38
C ASP A 106 2.36 -22.82 11.93
N GLU A 107 3.48 -22.20 11.58
CA GLU A 107 4.79 -22.65 12.07
C GLU A 107 5.33 -21.71 13.14
N HIS A 108 4.47 -20.82 13.63
CA HIS A 108 4.80 -19.99 14.79
C HIS A 108 4.83 -20.88 16.02
N ALA A 109 5.67 -20.54 16.99
CA ALA A 109 5.80 -21.32 18.22
C ALA A 109 4.46 -21.47 18.93
N TRP A 110 3.67 -20.40 18.92
CA TRP A 110 2.35 -20.40 19.55
C TRP A 110 1.44 -21.48 18.98
N PHE A 111 1.39 -21.59 17.65
CA PHE A 111 0.49 -22.54 17.00
C PHE A 111 1.04 -23.95 17.08
N ILE A 112 2.36 -24.09 17.02
CA ILE A 112 3.00 -25.40 17.19
C ILE A 112 2.69 -25.95 18.58
N GLU A 113 2.76 -25.09 19.58
CA GLU A 113 2.43 -25.50 20.94
C GLU A 113 0.93 -25.72 21.09
N ALA A 114 0.14 -24.94 20.35
CA ALA A 114 -1.31 -25.06 20.35
C ALA A 114 -1.73 -26.43 19.85
N ARG A 115 -1.02 -26.92 18.84
CA ARG A 115 -1.33 -28.24 18.29
C ARG A 115 -0.73 -29.34 19.16
N GLU A 116 0.53 -29.17 19.58
CA GLU A 116 1.21 -30.13 20.43
C GLU A 116 0.46 -30.37 21.73
N HIS A 117 0.25 -29.30 22.48
CA HIS A 117 -0.43 -29.39 23.76
C HIS A 117 -1.72 -28.57 23.77
N PRO A 118 -2.86 -29.21 23.44
CA PRO A 118 -4.16 -28.56 23.34
C PRO A 118 -4.68 -27.96 24.65
N ASP A 119 -4.02 -28.26 25.77
CA ASP A 119 -4.42 -27.71 27.06
C ASP A 119 -3.53 -26.55 27.47
N SER A 120 -2.56 -26.23 26.63
CA SER A 120 -1.66 -25.11 26.88
C SER A 120 -2.41 -23.79 26.76
N SER A 121 -1.79 -22.72 27.25
CA SER A 121 -2.38 -21.39 27.19
C SER A 121 -2.51 -20.88 25.75
N GLU A 122 -1.49 -21.17 24.95
CA GLU A 122 -1.44 -20.64 23.59
C GLU A 122 -2.42 -21.34 22.65
N ARG A 123 -3.02 -22.43 23.10
CA ARG A 123 -4.11 -23.07 22.37
C ARG A 123 -5.21 -22.04 22.12
N ASP A 124 -5.46 -21.21 23.12
CA ASP A 124 -6.50 -20.20 23.04
C ASP A 124 -6.00 -18.89 22.42
N TYR A 125 -4.77 -18.89 21.90
CA TYR A 125 -4.30 -17.74 21.13
C TYR A 125 -4.98 -17.75 19.77
N TYR A 126 -5.53 -18.90 19.41
CA TYR A 126 -6.17 -19.08 18.11
C TYR A 126 -7.65 -19.40 18.28
N ILE A 127 -8.36 -19.51 17.16
CA ILE A 127 -9.81 -19.66 17.20
C ILE A 127 -10.23 -21.06 16.79
N TRP A 128 -10.63 -21.86 17.77
CA TRP A 128 -10.99 -23.26 17.53
C TRP A 128 -12.49 -23.47 17.61
N CYS A 129 -13.01 -24.37 16.80
CA CYS A 129 -14.44 -24.55 16.66
C CYS A 129 -14.82 -26.00 16.37
N ASP A 130 -15.85 -26.49 17.06
CA ASP A 130 -16.37 -27.83 16.79
C ASP A 130 -17.40 -27.82 15.66
N GLN A 131 -18.17 -26.74 15.58
CA GLN A 131 -19.24 -26.63 14.60
C GLN A 131 -19.07 -25.38 13.73
N PRO A 132 -18.35 -25.51 12.61
CA PRO A 132 -17.99 -24.39 11.74
C PRO A 132 -19.17 -23.84 10.95
N ASN A 133 -19.07 -22.58 10.54
CA ASN A 133 -20.10 -21.98 9.68
C ASN A 133 -19.62 -21.87 8.24
N ASP A 134 -20.32 -21.07 7.43
CA ASP A 134 -20.03 -21.00 6.01
C ASP A 134 -19.05 -19.88 5.65
N LEU A 135 -18.32 -19.37 6.63
CA LEU A 135 -17.32 -18.34 6.36
C LEU A 135 -16.24 -18.86 5.43
N GLU A 136 -15.91 -18.05 4.41
CA GLU A 136 -14.92 -18.46 3.42
C GLU A 136 -13.59 -17.77 3.64
N SER A 137 -12.52 -18.41 3.15
CA SER A 137 -11.21 -17.80 3.15
C SER A 137 -11.13 -16.77 2.03
N ILE A 138 -10.32 -15.74 2.24
CA ILE A 138 -10.10 -14.72 1.22
C ILE A 138 -9.34 -15.34 0.04
N PHE A 139 -8.60 -16.41 0.32
CA PHE A 139 -7.83 -17.09 -0.72
C PHE A 139 -8.56 -18.32 -1.25
N GLY A 140 -9.87 -18.39 -1.02
CA GLY A 140 -10.68 -19.46 -1.56
C GLY A 140 -10.87 -20.63 -0.62
N GLY A 141 -12.07 -21.21 -0.64
CA GLY A 141 -12.40 -22.34 0.21
C GLY A 141 -12.93 -21.90 1.56
N SER A 142 -13.12 -22.88 2.44
CA SER A 142 -13.64 -22.60 3.78
C SER A 142 -12.61 -21.85 4.63
N ALA A 143 -13.10 -21.03 5.54
CA ALA A 143 -12.22 -20.31 6.47
C ALA A 143 -11.90 -21.18 7.68
N TRP A 144 -12.40 -22.42 7.65
CA TRP A 144 -12.19 -23.36 8.73
C TRP A 144 -11.35 -24.56 8.27
N GLN A 145 -10.22 -24.78 8.92
CA GLN A 145 -9.37 -25.92 8.59
C GLN A 145 -9.47 -26.99 9.67
N TYR A 146 -9.88 -28.19 9.27
CA TYR A 146 -10.00 -29.28 10.22
C TYR A 146 -8.64 -29.82 10.64
N ASP A 147 -8.45 -30.00 11.93
CA ASP A 147 -7.22 -30.55 12.48
C ASP A 147 -7.46 -31.97 12.96
N ASP A 148 -6.87 -32.94 12.26
CA ASP A 148 -7.09 -34.36 12.51
C ASP A 148 -6.77 -34.75 13.94
N LYS A 149 -5.72 -34.15 14.50
CA LYS A 149 -5.21 -34.56 15.80
C LYS A 149 -6.18 -34.20 16.92
N SER A 150 -6.58 -32.93 17.00
CA SER A 150 -7.44 -32.44 18.07
C SER A 150 -8.93 -32.54 17.72
N ASP A 151 -9.22 -32.84 16.45
CA ASP A 151 -10.59 -32.95 15.95
C ASP A 151 -11.38 -31.66 16.13
N GLN A 152 -10.71 -30.53 15.90
CA GLN A 152 -11.37 -29.23 15.87
C GLN A 152 -10.96 -28.46 14.62
N TYR A 153 -11.81 -27.54 14.19
CA TYR A 153 -11.46 -26.63 13.12
C TYR A 153 -10.76 -25.41 13.69
N TYR A 154 -9.74 -24.90 13.00
CA TYR A 154 -9.19 -23.60 13.38
C TYR A 154 -9.50 -22.59 12.27
N LEU A 155 -9.69 -21.35 12.68
CA LEU A 155 -10.08 -20.28 11.76
C LEU A 155 -8.89 -19.73 10.98
N HIS A 156 -9.10 -19.49 9.70
CA HIS A 156 -8.12 -18.80 8.87
C HIS A 156 -8.85 -18.04 7.76
N PHE A 157 -8.82 -16.71 7.82
CA PHE A 157 -9.45 -15.91 6.78
C PHE A 157 -8.57 -15.83 5.55
N PHE A 158 -7.29 -16.17 5.73
CA PHE A 158 -6.36 -16.21 4.62
C PHE A 158 -5.97 -17.66 4.33
N SER A 159 -4.68 -17.93 4.15
CA SER A 159 -4.25 -19.28 3.82
C SER A 159 -4.38 -20.21 5.03
N LYS A 160 -4.42 -21.51 4.76
CA LYS A 160 -4.52 -22.51 5.82
C LYS A 160 -3.30 -22.47 6.73
N LYS A 161 -2.19 -21.97 6.20
CA LYS A 161 -0.97 -21.82 6.98
C LYS A 161 -0.92 -20.43 7.62
N GLN A 162 -2.07 -19.77 7.70
CA GLN A 162 -2.19 -18.51 8.43
C GLN A 162 -3.36 -18.55 9.42
N PRO A 163 -3.26 -19.37 10.47
CA PRO A 163 -4.34 -19.44 11.47
C PRO A 163 -4.57 -18.10 12.16
N ASP A 164 -5.83 -17.70 12.29
CA ASP A 164 -6.17 -16.42 12.89
C ASP A 164 -5.93 -16.40 14.39
N LEU A 165 -5.49 -15.25 14.88
CA LEU A 165 -5.27 -15.04 16.30
C LEU A 165 -6.57 -14.68 17.00
N ASN A 166 -6.71 -15.16 18.24
CA ASN A 166 -7.91 -14.92 19.03
C ASN A 166 -7.80 -13.62 19.82
N TRP A 167 -8.38 -12.56 19.27
CA TRP A 167 -8.23 -11.24 19.88
C TRP A 167 -9.21 -11.00 21.03
N GLU A 168 -10.06 -11.98 21.30
CA GLU A 168 -10.89 -11.95 22.50
C GLU A 168 -10.05 -12.35 23.71
N ASN A 169 -8.89 -12.96 23.44
CA ASN A 169 -7.95 -13.37 24.47
C ASN A 169 -7.03 -12.21 24.84
N ALA A 170 -7.21 -11.66 26.05
CA ALA A 170 -6.46 -10.50 26.48
C ALA A 170 -4.96 -10.79 26.64
N ASN A 171 -4.63 -12.03 26.98
CA ASN A 171 -3.24 -12.44 27.13
C ASN A 171 -2.52 -12.44 25.78
N LEU A 172 -3.22 -12.88 24.75
CA LEU A 172 -2.72 -12.86 23.37
C LEU A 172 -2.44 -11.42 22.95
N ARG A 173 -3.43 -10.56 23.12
CA ARG A 173 -3.28 -9.13 22.83
C ARG A 173 -2.07 -8.57 23.55
N GLN A 174 -1.90 -8.97 24.80
CA GLN A 174 -0.79 -8.51 25.61
C GLN A 174 0.55 -8.93 25.01
N LYS A 175 0.64 -10.17 24.52
CA LYS A 175 1.88 -10.63 23.91
C LYS A 175 2.16 -9.87 22.61
N ILE A 176 1.10 -9.53 21.90
CA ILE A 176 1.22 -8.68 20.71
C ILE A 176 1.84 -7.33 21.10
N TYR A 177 1.33 -6.75 22.18
CA TYR A 177 1.83 -5.45 22.63
C TYR A 177 3.27 -5.52 23.11
N ASP A 178 3.62 -6.63 23.76
CA ASP A 178 5.00 -6.88 24.17
C ASP A 178 5.91 -6.87 22.95
N MET A 179 5.50 -7.57 21.90
CA MET A 179 6.27 -7.63 20.67
C MET A 179 6.41 -6.24 20.02
N MET A 180 5.30 -5.51 19.96
CA MET A 180 5.28 -4.17 19.41
C MET A 180 6.25 -3.26 20.16
N ASN A 181 6.29 -3.41 21.48
CA ASN A 181 7.22 -2.62 22.29
C ASN A 181 8.66 -3.05 22.06
N PHE A 182 8.86 -4.34 21.79
CA PHE A 182 10.18 -4.83 21.39
C PHE A 182 10.66 -4.04 20.17
N TRP A 183 9.78 -3.89 19.18
CA TRP A 183 10.19 -3.17 17.97
C TRP A 183 10.28 -1.66 18.16
N ILE A 184 9.42 -1.10 19.00
CA ILE A 184 9.45 0.33 19.29
C ILE A 184 10.77 0.70 19.96
N ASP A 185 11.22 -0.16 20.88
CA ASP A 185 12.45 0.06 21.61
C ASP A 185 13.67 0.05 20.69
N LYS A 186 13.54 -0.54 19.51
CA LYS A 186 14.65 -0.61 18.56
C LYS A 186 14.74 0.66 17.72
N GLY A 187 13.75 1.53 17.85
CA GLY A 187 13.81 2.85 17.24
C GLY A 187 13.09 3.01 15.91
N ILE A 188 12.04 2.20 15.70
CA ILE A 188 11.25 2.31 14.49
C ILE A 188 10.43 3.61 14.49
N GLY A 189 9.90 3.98 13.33
CA GLY A 189 9.15 5.20 13.19
C GLY A 189 7.64 5.01 13.28
N GLY A 190 7.20 3.76 13.25
CA GLY A 190 5.78 3.45 13.36
C GLY A 190 5.40 2.08 12.84
N PHE A 191 4.10 1.87 12.66
CA PHE A 191 3.58 0.59 12.19
C PHE A 191 2.57 0.75 11.04
N ARG A 192 2.69 -0.09 10.02
CA ARG A 192 1.59 -0.30 9.09
C ARG A 192 0.88 -1.56 9.54
N MET A 193 -0.43 -1.47 9.76
CA MET A 193 -1.17 -2.57 10.38
C MET A 193 -2.01 -3.35 9.37
N ASP A 194 -1.54 -4.56 9.06
CA ASP A 194 -2.19 -5.47 8.12
C ASP A 194 -3.60 -5.83 8.56
N VAL A 195 -4.56 -5.63 7.65
CA VAL A 195 -6.00 -5.89 7.87
C VAL A 195 -6.47 -5.67 9.31
N ILE A 196 -6.09 -4.53 9.87
CA ILE A 196 -6.30 -4.27 11.29
C ILE A 196 -7.78 -4.16 11.67
N ASP A 197 -8.64 -3.87 10.71
CA ASP A 197 -10.06 -3.71 11.02
C ASP A 197 -10.75 -5.07 11.19
N MET A 198 -9.97 -6.14 11.12
CA MET A 198 -10.50 -7.50 11.29
C MET A 198 -10.34 -8.03 12.72
N ILE A 199 -9.58 -7.35 13.56
CA ILE A 199 -9.29 -7.89 14.90
C ILE A 199 -10.51 -7.84 15.83
N GLY A 200 -11.57 -7.16 15.40
CA GLY A 200 -12.82 -7.14 16.14
C GLY A 200 -13.77 -8.22 15.66
N LYS A 201 -13.25 -9.14 14.86
CA LYS A 201 -14.02 -10.23 14.27
C LYS A 201 -14.80 -11.03 15.32
N ILE A 202 -16.01 -11.43 14.97
CA ILE A 202 -16.78 -12.38 15.76
C ILE A 202 -17.35 -13.42 14.80
N PRO A 203 -16.54 -14.44 14.45
CA PRO A 203 -16.86 -15.42 13.42
C PRO A 203 -18.19 -16.14 13.65
N ALA A 204 -18.55 -16.35 14.92
CA ALA A 204 -19.80 -17.05 15.24
C ALA A 204 -21.02 -16.25 14.78
N GLN A 205 -20.86 -14.92 14.71
CA GLN A 205 -21.95 -14.05 14.28
C GLN A 205 -21.74 -13.52 12.87
N HIS A 206 -20.84 -14.17 12.14
CA HIS A 206 -20.45 -13.74 10.79
C HIS A 206 -19.95 -12.30 10.75
N ILE A 207 -19.38 -11.86 11.87
CA ILE A 207 -18.76 -10.53 11.92
C ILE A 207 -17.27 -10.64 11.65
N VAL A 208 -16.81 -9.92 10.63
CA VAL A 208 -15.40 -9.97 10.26
C VAL A 208 -14.76 -8.60 10.45
N SER A 209 -15.04 -7.67 9.55
CA SER A 209 -14.54 -6.32 9.66
C SER A 209 -15.46 -5.45 10.51
N ASN A 210 -14.89 -4.42 11.13
CA ASN A 210 -15.65 -3.46 11.93
C ASN A 210 -16.45 -4.09 13.06
N GLY A 211 -15.84 -5.05 13.76
CA GLY A 211 -16.46 -5.68 14.90
C GLY A 211 -16.64 -4.70 16.04
N PRO A 212 -17.53 -5.03 17.00
CA PRO A 212 -17.87 -4.12 18.10
C PRO A 212 -16.71 -3.80 19.05
N LYS A 213 -15.72 -4.68 19.14
CA LYS A 213 -14.60 -4.47 20.07
C LYS A 213 -13.36 -3.88 19.40
N LEU A 214 -13.44 -3.66 18.09
CA LEU A 214 -12.30 -3.22 17.29
C LEU A 214 -11.58 -1.98 17.84
N HIS A 215 -12.33 -0.90 18.04
CA HIS A 215 -11.72 0.37 18.42
C HIS A 215 -11.29 0.37 19.88
N ALA A 216 -11.95 -0.45 20.70
CA ALA A 216 -11.50 -0.66 22.06
C ALA A 216 -10.13 -1.34 22.05
N TYR A 217 -10.00 -2.33 21.17
CA TYR A 217 -8.73 -3.03 20.99
C TYR A 217 -7.64 -2.08 20.51
N LEU A 218 -7.97 -1.21 19.57
CA LEU A 218 -6.99 -0.26 19.05
C LEU A 218 -6.58 0.78 20.10
N LYS A 219 -7.53 1.21 20.92
CA LYS A 219 -7.24 2.11 22.02
C LYS A 219 -6.32 1.45 23.03
N GLU A 220 -6.60 0.18 23.32
CA GLU A 220 -5.80 -0.61 24.25
C GLU A 220 -4.38 -0.77 23.72
N MET A 221 -4.28 -1.05 22.43
CA MET A 221 -2.99 -1.21 21.75
C MET A 221 -2.19 0.08 21.82
N ASN A 222 -2.85 1.18 21.46
CA ASN A 222 -2.24 2.51 21.55
C ASN A 222 -1.69 2.76 22.96
N ALA A 223 -2.53 2.57 23.96
CA ALA A 223 -2.17 2.82 25.34
C ALA A 223 -1.00 1.95 25.80
N ALA A 224 -0.96 0.72 25.31
CA ALA A 224 0.05 -0.24 25.76
C ALA A 224 1.36 -0.17 24.99
N SER A 225 1.38 0.56 23.87
CA SER A 225 2.60 0.59 23.05
C SER A 225 2.92 1.98 22.48
N PHE A 226 2.49 2.24 21.25
CA PHE A 226 2.98 3.39 20.50
C PHE A 226 2.39 4.74 20.94
N GLY A 227 1.38 4.70 21.81
CA GLY A 227 0.70 5.91 22.23
C GLY A 227 1.57 6.99 22.85
N GLN A 228 2.40 6.60 23.81
CA GLN A 228 3.28 7.53 24.50
C GLN A 228 4.32 8.14 23.55
N HIS A 229 4.64 7.39 22.50
CA HIS A 229 5.65 7.82 21.55
C HIS A 229 5.04 8.72 20.49
N ASP A 230 5.85 9.10 19.51
CA ASP A 230 5.40 9.99 18.45
C ASP A 230 5.57 9.30 17.09
N LEU A 231 4.80 8.25 16.88
CA LEU A 231 4.96 7.39 15.72
C LEU A 231 3.87 7.59 14.67
N LEU A 232 4.16 7.13 13.45
CA LEU A 232 3.15 7.08 12.40
C LEU A 232 2.53 5.69 12.42
N THR A 233 1.25 5.61 12.71
CA THR A 233 0.53 4.34 12.59
C THR A 233 -0.55 4.45 11.52
N VAL A 234 -0.45 3.58 10.51
CA VAL A 234 -1.44 3.56 9.46
C VAL A 234 -2.06 2.15 9.36
N GLY A 235 -3.37 2.08 9.45
CA GLY A 235 -4.06 0.81 9.42
C GLY A 235 -4.63 0.49 8.06
N GLN A 236 -4.47 -0.76 7.63
CA GLN A 236 -5.13 -1.23 6.42
C GLN A 236 -6.57 -1.58 6.75
N THR A 237 -7.50 -0.75 6.26
CA THR A 237 -8.91 -0.92 6.60
C THR A 237 -9.78 -1.04 5.37
N TRP A 238 -10.01 -2.28 4.94
CA TRP A 238 -10.86 -2.58 3.79
C TRP A 238 -12.28 -2.02 3.96
N GLY A 239 -12.84 -2.21 5.15
CA GLY A 239 -14.21 -1.80 5.40
C GLY A 239 -14.33 -0.43 6.01
N ALA A 240 -13.50 0.51 5.57
CA ALA A 240 -13.48 1.84 6.13
C ALA A 240 -14.34 2.82 5.34
N THR A 241 -15.20 3.54 6.05
CA THR A 241 -15.91 4.68 5.50
C THR A 241 -15.30 5.93 6.12
N PRO A 242 -15.60 7.12 5.58
CA PRO A 242 -15.07 8.35 6.18
C PRO A 242 -15.40 8.51 7.68
N GLU A 243 -16.56 8.05 8.11
CA GLU A 243 -16.93 8.14 9.53
C GLU A 243 -16.07 7.22 10.38
N ILE A 244 -15.93 5.98 9.93
CA ILE A 244 -15.09 5.01 10.61
C ILE A 244 -13.64 5.52 10.62
N ALA A 245 -13.24 6.15 9.53
CA ALA A 245 -11.91 6.75 9.43
C ALA A 245 -11.74 7.88 10.44
N LYS A 246 -12.81 8.63 10.68
CA LYS A 246 -12.80 9.63 11.73
C LYS A 246 -12.56 8.97 13.06
N GLN A 247 -13.21 7.83 13.29
CA GLN A 247 -13.02 7.08 14.52
C GLN A 247 -11.56 6.60 14.67
N TYR A 248 -10.94 6.22 13.55
CA TYR A 248 -9.55 5.76 13.57
C TYR A 248 -8.53 6.87 13.82
N SER A 249 -8.64 7.95 13.05
CA SER A 249 -7.53 8.88 12.87
C SER A 249 -7.66 10.21 13.61
N ASN A 250 -8.84 10.52 14.14
CA ASN A 250 -8.98 11.68 15.01
C ASN A 250 -8.15 11.43 16.26
N PRO A 251 -7.15 12.29 16.52
CA PRO A 251 -6.19 12.10 17.62
C PRO A 251 -6.85 11.95 19.00
N VAL A 252 -8.03 12.51 19.20
CA VAL A 252 -8.69 12.43 20.49
C VAL A 252 -9.24 11.04 20.79
N ASN A 253 -9.31 10.20 19.75
CA ASN A 253 -9.71 8.80 19.94
C ASN A 253 -8.57 7.95 20.45
N HIS A 254 -7.36 8.47 20.31
CA HIS A 254 -6.14 7.77 20.70
C HIS A 254 -6.06 6.39 20.08
N GLU A 255 -6.13 6.34 18.76
CA GLU A 255 -6.00 5.09 18.03
C GLU A 255 -4.86 5.21 17.01
N LEU A 256 -5.19 5.47 15.75
CA LEU A 256 -4.17 5.52 14.70
C LEU A 256 -3.94 6.92 14.16
N SER A 257 -2.89 7.08 13.35
CA SER A 257 -2.59 8.34 12.70
C SER A 257 -3.48 8.53 11.46
N MET A 258 -3.80 7.40 10.82
CA MET A 258 -4.51 7.40 9.55
C MET A 258 -4.80 5.96 9.14
N VAL A 259 -5.61 5.78 8.10
CA VAL A 259 -5.86 4.44 7.57
C VAL A 259 -5.82 4.40 6.05
N PHE A 260 -5.61 3.19 5.51
CA PHE A 260 -5.74 2.94 4.09
C PHE A 260 -7.19 2.57 3.77
N GLN A 261 -7.84 3.36 2.92
CA GLN A 261 -9.18 3.02 2.47
C GLN A 261 -9.13 2.59 1.01
N PHE A 262 -10.06 1.73 0.61
CA PHE A 262 -9.98 1.09 -0.70
C PHE A 262 -11.22 1.32 -1.57
N GLU A 263 -11.96 2.39 -1.30
CA GLU A 263 -13.15 2.70 -2.09
C GLU A 263 -12.78 3.05 -3.53
N HIS A 264 -11.69 3.78 -3.71
CA HIS A 264 -11.24 4.11 -5.06
C HIS A 264 -10.69 2.89 -5.77
N ILE A 265 -10.08 1.99 -5.02
CA ILE A 265 -9.56 0.73 -5.56
C ILE A 265 -10.71 -0.14 -6.10
N GLY A 266 -11.88 0.00 -5.48
CA GLY A 266 -13.06 -0.74 -5.91
C GLY A 266 -13.45 -0.45 -7.35
N LEU A 267 -12.97 0.67 -7.88
CA LEU A 267 -13.24 1.05 -9.27
C LEU A 267 -12.42 0.23 -10.26
N GLN A 268 -11.60 -0.69 -9.76
CA GLN A 268 -10.81 -1.55 -10.62
C GLN A 268 -11.59 -2.80 -11.03
N HIS A 269 -12.78 -2.96 -10.46
CA HIS A 269 -13.64 -4.08 -10.80
C HIS A 269 -15.11 -3.66 -10.73
N LYS A 270 -15.98 -4.45 -11.37
CA LYS A 270 -17.41 -4.18 -11.33
C LYS A 270 -17.96 -4.38 -9.92
N PRO A 271 -18.98 -3.59 -9.56
CA PRO A 271 -19.67 -3.69 -8.26
C PRO A 271 -20.07 -5.14 -7.94
N GLU A 272 -19.68 -5.61 -6.75
CA GLU A 272 -20.05 -6.93 -6.25
C GLU A 272 -19.49 -8.10 -7.06
N ALA A 273 -18.81 -7.79 -8.17
CA ALA A 273 -18.08 -8.77 -8.95
C ALA A 273 -16.71 -8.98 -8.35
N PRO A 274 -16.13 -10.18 -8.51
CA PRO A 274 -14.78 -10.40 -7.99
C PRO A 274 -13.78 -9.44 -8.62
N LYS A 275 -12.67 -9.21 -7.94
CA LYS A 275 -11.67 -8.25 -8.42
C LYS A 275 -11.05 -8.72 -9.73
N TRP A 276 -11.16 -10.02 -9.98
CA TRP A 276 -10.59 -10.63 -11.18
C TRP A 276 -11.34 -10.18 -12.44
N ASP A 277 -12.61 -9.85 -12.26
CA ASP A 277 -13.39 -9.28 -13.36
C ASP A 277 -13.10 -7.78 -13.41
N TYR A 278 -11.93 -7.44 -13.95
CA TYR A 278 -11.41 -6.08 -13.85
C TYR A 278 -12.12 -5.09 -14.77
N VAL A 279 -12.13 -3.84 -14.37
CA VAL A 279 -12.66 -2.76 -15.20
C VAL A 279 -11.55 -2.28 -16.13
N LYS A 280 -11.93 -1.93 -17.35
CA LYS A 280 -11.01 -1.68 -18.44
C LYS A 280 -10.58 -0.22 -18.46
N GLU A 281 -11.54 0.67 -18.24
CA GLU A 281 -11.29 2.10 -18.25
C GLU A 281 -11.63 2.71 -16.90
N LEU A 282 -10.79 3.62 -16.42
CA LEU A 282 -11.09 4.29 -15.15
C LEU A 282 -12.33 5.17 -15.28
N ASN A 283 -13.27 5.00 -14.36
CA ASN A 283 -14.43 5.86 -14.28
C ASN A 283 -14.07 7.13 -13.51
N VAL A 284 -13.59 8.13 -14.23
CA VAL A 284 -13.08 9.35 -13.61
C VAL A 284 -14.11 10.12 -12.77
N PRO A 285 -15.38 10.24 -13.25
CA PRO A 285 -16.36 10.89 -12.37
C PRO A 285 -16.57 10.15 -11.03
N ALA A 286 -16.55 8.82 -11.07
CA ALA A 286 -16.67 8.03 -9.85
C ALA A 286 -15.52 8.33 -8.90
N LEU A 287 -14.31 8.38 -9.46
CA LEU A 287 -13.12 8.74 -8.69
C LEU A 287 -13.26 10.14 -8.11
N LYS A 288 -13.84 11.06 -8.88
CA LYS A 288 -14.10 12.41 -8.41
C LYS A 288 -14.96 12.37 -7.16
N THR A 289 -16.07 11.65 -7.25
CA THR A 289 -16.99 11.52 -6.12
C THR A 289 -16.30 10.94 -4.89
N ILE A 290 -15.57 9.85 -5.08
CA ILE A 290 -14.91 9.17 -3.96
C ILE A 290 -13.85 10.06 -3.28
N PHE A 291 -12.92 10.57 -4.07
CA PHE A 291 -11.85 11.43 -3.56
C PHE A 291 -12.41 12.69 -2.91
N ASN A 292 -13.41 13.31 -3.53
CA ASN A 292 -14.01 14.50 -2.96
C ASN A 292 -14.68 14.21 -1.63
N LYS A 293 -15.36 13.07 -1.56
CA LYS A 293 -16.01 12.65 -0.33
C LYS A 293 -14.97 12.48 0.78
N TRP A 294 -13.87 11.79 0.48
CA TRP A 294 -12.86 11.55 1.51
C TRP A 294 -12.09 12.81 1.89
N GLN A 295 -11.93 13.74 0.96
CA GLN A 295 -11.27 15.01 1.26
C GLN A 295 -12.15 15.88 2.15
N THR A 296 -13.42 16.02 1.80
CA THR A 296 -14.31 16.93 2.52
C THR A 296 -14.80 16.36 3.86
N GLU A 297 -15.07 15.06 3.91
CA GLU A 297 -15.57 14.45 5.14
C GLU A 297 -14.50 14.40 6.24
N LEU A 298 -13.29 14.00 5.87
CA LEU A 298 -12.19 14.01 6.82
C LEU A 298 -11.65 15.42 6.98
N GLU A 299 -12.38 16.25 7.70
CA GLU A 299 -12.01 17.64 7.92
C GLU A 299 -10.74 17.72 8.75
N LEU A 300 -10.15 18.91 8.83
CA LEU A 300 -8.95 19.10 9.62
C LEU A 300 -9.28 19.02 11.11
N GLY A 301 -8.40 18.41 11.89
CA GLY A 301 -8.63 18.21 13.31
C GLY A 301 -9.84 17.31 13.55
N GLN A 302 -10.02 16.36 12.64
CA GLN A 302 -11.20 15.50 12.66
C GLN A 302 -10.84 14.11 12.14
N GLY A 303 -9.73 14.06 11.41
CA GLY A 303 -9.24 12.82 10.83
C GLY A 303 -8.14 13.12 9.83
N TRP A 304 -7.41 12.09 9.42
CA TRP A 304 -6.33 12.29 8.47
C TRP A 304 -6.32 11.22 7.38
N ASN A 305 -6.29 11.67 6.14
CA ASN A 305 -6.28 10.79 4.97
C ASN A 305 -4.91 10.18 4.71
N SER A 306 -4.91 8.96 4.19
CA SER A 306 -3.73 8.43 3.53
C SER A 306 -3.98 8.52 2.03
N LEU A 307 -2.91 8.65 1.24
CA LEU A 307 -3.05 8.78 -0.21
C LEU A 307 -2.17 7.76 -0.92
N PHE A 308 -2.80 6.87 -1.68
CA PHE A 308 -2.03 5.89 -2.43
C PHE A 308 -2.75 5.47 -3.72
N TRP A 309 -1.96 5.01 -4.69
CA TRP A 309 -2.49 4.48 -5.95
C TRP A 309 -2.44 2.98 -5.98
N ASN A 310 -1.40 2.44 -5.34
CA ASN A 310 -1.01 1.05 -5.55
C ASN A 310 -0.04 0.57 -4.48
N ASN A 311 0.02 -0.75 -4.31
CA ASN A 311 0.93 -1.36 -3.36
C ASN A 311 1.31 -2.78 -3.76
N HIS A 312 1.73 -3.58 -2.78
CA HIS A 312 2.20 -4.93 -3.05
C HIS A 312 1.04 -5.89 -3.31
N ASP A 313 -0.18 -5.42 -3.05
CA ASP A 313 -1.38 -6.23 -3.26
C ASP A 313 -2.14 -5.84 -4.52
N LEU A 314 -1.68 -4.79 -5.19
CA LEU A 314 -2.45 -4.17 -6.26
C LEU A 314 -1.69 -4.06 -7.58
N PRO A 315 -2.43 -3.97 -8.70
CA PRO A 315 -1.77 -3.68 -9.98
C PRO A 315 -1.10 -2.31 -9.94
N ARG A 316 -0.01 -2.16 -10.70
CA ARG A 316 0.64 -0.86 -10.79
C ARG A 316 -0.30 0.11 -11.48
N VAL A 317 -0.38 1.34 -10.96
CA VAL A 317 -1.42 2.28 -11.34
C VAL A 317 -1.44 2.60 -12.85
N LEU A 318 -0.27 2.57 -13.48
CA LEU A 318 -0.19 2.85 -14.92
C LEU A 318 -0.93 1.80 -15.74
N SER A 319 -0.84 0.54 -15.32
CA SER A 319 -1.43 -0.56 -16.07
C SER A 319 -2.95 -0.61 -15.94
N ILE A 320 -3.46 -0.26 -14.77
CA ILE A 320 -4.90 -0.36 -14.52
C ILE A 320 -5.64 0.95 -14.81
N TRP A 321 -5.00 2.08 -14.54
CA TRP A 321 -5.68 3.37 -14.65
C TRP A 321 -4.96 4.39 -15.53
N GLY A 322 -3.70 4.12 -15.88
CA GLY A 322 -2.91 5.08 -16.62
C GLY A 322 -2.64 4.69 -18.06
N ASN A 323 -1.54 5.20 -18.60
CA ASN A 323 -1.11 4.87 -19.95
C ASN A 323 0.25 4.18 -19.91
N THR A 324 0.38 3.08 -20.66
CA THR A 324 1.63 2.33 -20.67
C THR A 324 2.30 2.38 -22.03
N GLY A 325 1.75 3.20 -22.92
CA GLY A 325 2.30 3.34 -24.26
C GLY A 325 2.89 4.70 -24.50
N LYS A 326 2.28 5.44 -25.43
CA LYS A 326 2.80 6.73 -25.88
C LYS A 326 2.85 7.78 -24.76
N TYR A 327 1.91 7.70 -23.82
CA TYR A 327 1.83 8.69 -22.75
C TYR A 327 2.19 8.12 -21.38
N ARG A 328 3.09 7.15 -21.33
CA ARG A 328 3.46 6.52 -20.07
C ARG A 328 3.98 7.51 -19.04
N GLU A 329 5.05 8.22 -19.43
CA GLU A 329 5.67 9.20 -18.55
C GLU A 329 4.68 10.29 -18.13
N LYS A 330 4.01 10.87 -19.11
CA LYS A 330 3.09 11.98 -18.86
C LYS A 330 1.90 11.57 -17.99
N SER A 331 1.37 10.37 -18.22
CA SER A 331 0.27 9.87 -17.41
C SER A 331 0.73 9.59 -15.99
N ALA A 332 1.93 9.03 -15.85
CA ALA A 332 2.49 8.77 -14.53
C ALA A 332 2.60 10.06 -13.74
N LYS A 333 3.19 11.08 -14.37
CA LYS A 333 3.31 12.41 -13.76
C LYS A 333 1.94 12.97 -13.40
N ALA A 334 0.98 12.77 -14.30
CA ALA A 334 -0.38 13.28 -14.10
C ALA A 334 -1.04 12.67 -12.87
N LEU A 335 -0.93 11.35 -12.74
CA LEU A 335 -1.52 10.66 -11.60
C LEU A 335 -0.82 11.06 -10.31
N ALA A 336 0.51 11.20 -10.38
CA ALA A 336 1.30 11.66 -9.24
C ALA A 336 0.81 13.02 -8.75
N ILE A 337 0.72 13.97 -9.68
CA ILE A 337 0.25 15.33 -9.38
C ILE A 337 -1.16 15.32 -8.82
N LEU A 338 -2.04 14.54 -9.45
CA LEU A 338 -3.41 14.42 -9.03
C LEU A 338 -3.53 13.95 -7.58
N LEU A 339 -2.80 12.90 -7.23
CA LEU A 339 -2.91 12.32 -5.89
C LEU A 339 -2.20 13.16 -4.82
N HIS A 340 -0.96 13.54 -5.08
CA HIS A 340 -0.10 14.11 -4.04
C HIS A 340 -0.48 15.52 -3.60
N LEU A 341 -1.32 16.21 -4.37
CA LEU A 341 -1.67 17.58 -4.03
C LEU A 341 -3.01 17.66 -3.29
N MET A 342 -3.55 16.50 -2.95
CA MET A 342 -4.68 16.44 -2.03
C MET A 342 -4.16 16.49 -0.61
N ARG A 343 -5.06 16.58 0.37
CA ARG A 343 -4.65 16.59 1.76
C ARG A 343 -4.52 15.17 2.30
N GLY A 344 -3.38 14.87 2.90
CA GLY A 344 -3.13 13.56 3.47
C GLY A 344 -1.68 13.14 3.32
N THR A 345 -1.36 11.96 3.81
CA THR A 345 -0.01 11.41 3.66
C THR A 345 0.08 10.50 2.45
N PRO A 346 0.82 10.92 1.42
CA PRO A 346 0.96 10.11 0.21
C PRO A 346 1.94 8.94 0.38
N TYR A 347 1.60 7.82 -0.24
CA TYR A 347 2.45 6.62 -0.20
C TYR A 347 2.91 6.26 -1.60
N ILE A 348 4.23 6.15 -1.77
CA ILE A 348 4.80 5.75 -3.05
C ILE A 348 5.28 4.30 -2.97
N TYR A 349 4.73 3.46 -3.84
CA TYR A 349 5.20 2.07 -3.90
C TYR A 349 6.45 2.01 -4.76
N GLN A 350 7.37 1.12 -4.42
CA GLN A 350 8.64 1.03 -5.14
C GLN A 350 8.43 0.84 -6.64
N GLY A 351 9.14 1.64 -7.43
CA GLY A 351 9.04 1.55 -8.88
C GLY A 351 7.98 2.45 -9.47
N GLU A 352 7.03 2.87 -8.65
CA GLU A 352 5.99 3.79 -9.10
C GLU A 352 6.61 5.10 -9.58
N GLU A 353 7.70 5.50 -8.93
CA GLU A 353 8.33 6.79 -9.21
C GLU A 353 9.13 6.79 -10.51
N ILE A 354 9.29 5.62 -11.13
CA ILE A 354 9.93 5.54 -12.44
C ILE A 354 8.95 5.00 -13.48
N GLY A 355 7.71 4.81 -13.06
CA GLY A 355 6.66 4.36 -13.96
C GLY A 355 6.76 2.91 -14.37
N MET A 356 7.06 2.04 -13.41
CA MET A 356 7.06 0.61 -13.68
C MET A 356 5.63 0.15 -13.97
N THR A 357 5.48 -0.98 -14.64
CA THR A 357 4.18 -1.48 -15.04
C THR A 357 3.95 -2.91 -14.60
N ASN A 358 2.77 -3.44 -14.91
CA ASN A 358 2.48 -4.86 -14.71
C ASN A 358 3.39 -5.72 -15.58
N TYR A 359 3.47 -7.00 -15.26
CA TYR A 359 4.29 -7.93 -16.03
C TYR A 359 3.42 -8.78 -16.95
N PRO A 360 3.90 -9.03 -18.18
CA PRO A 360 3.17 -9.88 -19.14
C PRO A 360 3.34 -11.37 -18.88
N PHE A 361 2.78 -11.85 -17.77
CA PHE A 361 2.90 -13.27 -17.41
C PHE A 361 2.29 -14.17 -18.46
N LYS A 362 3.00 -15.23 -18.84
CA LYS A 362 2.55 -16.11 -19.91
C LYS A 362 1.77 -17.31 -19.40
N ASP A 363 2.12 -17.82 -18.22
CA ASP A 363 1.44 -18.99 -17.67
C ASP A 363 1.47 -18.99 -16.14
N LEU A 364 0.77 -19.95 -15.54
CA LEU A 364 0.68 -20.08 -14.10
C LEU A 364 2.03 -20.40 -13.47
N ASN A 365 2.86 -21.13 -14.22
CA ASN A 365 4.14 -21.59 -13.70
C ASN A 365 5.08 -20.43 -13.36
N GLU A 366 4.85 -19.28 -13.98
CA GLU A 366 5.63 -18.08 -13.71
C GLU A 366 5.17 -17.36 -12.45
N LEU A 367 3.97 -17.68 -11.98
CA LEU A 367 3.38 -16.97 -10.85
C LEU A 367 3.84 -17.53 -9.50
N ASP A 368 3.73 -16.71 -8.46
CA ASP A 368 4.14 -17.09 -7.12
C ASP A 368 3.03 -16.92 -6.11
N ASP A 369 2.17 -15.94 -6.32
CA ASP A 369 1.16 -15.55 -5.34
C ASP A 369 0.09 -16.63 -5.13
N ILE A 370 -0.11 -16.99 -3.87
CA ILE A 370 -1.09 -18.01 -3.50
C ILE A 370 -2.52 -17.62 -3.88
N GLU A 371 -2.81 -16.32 -3.82
CA GLU A 371 -4.13 -15.82 -4.16
C GLU A 371 -4.47 -16.08 -5.62
N SER A 372 -3.53 -15.76 -6.50
CA SER A 372 -3.70 -15.96 -7.94
C SER A 372 -3.77 -17.44 -8.31
N LEU A 373 -2.94 -18.26 -7.66
CA LEU A 373 -2.90 -19.68 -7.94
C LEU A 373 -4.18 -20.38 -7.48
N ASN A 374 -4.65 -20.03 -6.29
CA ASN A 374 -5.91 -20.56 -5.78
C ASN A 374 -7.08 -20.13 -6.66
N TYR A 375 -7.11 -18.83 -6.99
CA TYR A 375 -8.12 -18.31 -7.89
C TYR A 375 -8.12 -19.09 -9.20
N ALA A 376 -6.94 -19.38 -9.72
CA ALA A 376 -6.81 -20.11 -10.97
C ALA A 376 -7.36 -21.52 -10.83
N LYS A 377 -7.00 -22.19 -9.73
CA LYS A 377 -7.45 -23.56 -9.50
C LYS A 377 -8.97 -23.62 -9.46
N GLU A 378 -9.61 -22.62 -8.85
CA GLU A 378 -11.07 -22.64 -8.76
C GLU A 378 -11.74 -22.21 -10.06
N ALA A 379 -11.16 -21.22 -10.72
CA ALA A 379 -11.73 -20.65 -11.94
C ALA A 379 -11.66 -21.64 -13.09
N PHE A 380 -10.60 -22.43 -13.13
CA PHE A 380 -10.42 -23.39 -14.22
C PHE A 380 -11.50 -24.47 -14.20
N THR A 381 -12.05 -24.74 -13.02
CA THR A 381 -13.10 -25.75 -12.88
C THR A 381 -14.49 -25.13 -12.93
N ASN A 382 -14.56 -23.82 -13.07
CA ASN A 382 -15.85 -23.14 -13.12
C ASN A 382 -16.10 -22.34 -14.39
N GLY A 383 -15.61 -22.86 -15.52
CA GLY A 383 -15.97 -22.34 -16.82
C GLY A 383 -15.02 -21.33 -17.44
N LYS A 384 -13.88 -21.11 -16.80
CA LYS A 384 -12.92 -20.14 -17.30
C LYS A 384 -11.67 -20.82 -17.85
N SER A 385 -11.29 -20.47 -19.07
CA SER A 385 -10.10 -21.01 -19.70
C SER A 385 -8.85 -20.47 -19.00
N MET A 386 -7.73 -21.16 -19.20
CA MET A 386 -6.47 -20.76 -18.59
C MET A 386 -6.00 -19.40 -19.14
N GLU A 387 -6.35 -19.11 -20.38
CA GLU A 387 -5.96 -17.84 -20.99
C GLU A 387 -6.77 -16.68 -20.40
N THR A 388 -8.05 -16.92 -20.13
CA THR A 388 -8.90 -15.93 -19.48
C THR A 388 -8.37 -15.62 -18.08
N ILE A 389 -8.10 -16.69 -17.35
CA ILE A 389 -7.50 -16.60 -16.02
C ILE A 389 -6.20 -15.81 -16.05
N MET A 390 -5.34 -16.12 -17.02
CA MET A 390 -4.05 -15.45 -17.14
C MET A 390 -4.20 -13.98 -17.54
N ASP A 391 -5.26 -13.68 -18.27
CA ASP A 391 -5.57 -12.29 -18.62
C ASP A 391 -5.92 -11.50 -17.36
N SER A 392 -6.87 -12.05 -16.60
CA SER A 392 -7.29 -11.44 -15.34
C SER A 392 -6.12 -11.28 -14.38
N ILE A 393 -5.25 -12.28 -14.31
CA ILE A 393 -4.08 -12.21 -13.43
C ILE A 393 -3.08 -11.18 -13.94
N ARG A 394 -2.93 -11.10 -15.26
CA ARG A 394 -2.04 -10.11 -15.87
C ARG A 394 -2.50 -8.69 -15.57
N MET A 395 -3.79 -8.51 -15.33
CA MET A 395 -4.27 -7.18 -14.97
C MET A 395 -4.35 -6.92 -13.46
N ILE A 396 -4.62 -7.96 -12.68
CA ILE A 396 -4.99 -7.79 -11.27
C ILE A 396 -4.09 -8.56 -10.28
N GLY A 397 -3.47 -9.64 -10.76
CA GLY A 397 -2.61 -10.46 -9.92
C GLY A 397 -1.56 -9.68 -9.16
N ARG A 398 -1.37 -10.05 -7.89
CA ARG A 398 -0.47 -9.32 -7.01
C ARG A 398 0.99 -9.40 -7.46
N ASP A 399 1.34 -10.46 -8.17
CA ASP A 399 2.71 -10.66 -8.64
C ASP A 399 3.16 -9.54 -9.59
N ASN A 400 2.19 -8.83 -10.18
CA ASN A 400 2.50 -7.69 -11.03
C ASN A 400 3.23 -6.59 -10.28
N ALA A 401 2.98 -6.51 -8.97
CA ALA A 401 3.58 -5.47 -8.14
C ALA A 401 4.89 -5.94 -7.52
N ARG A 402 5.25 -7.20 -7.80
CA ARG A 402 6.34 -7.83 -7.07
C ARG A 402 7.49 -8.27 -7.97
N THR A 403 7.46 -7.87 -9.23
CA THR A 403 8.61 -8.10 -10.11
C THR A 403 9.76 -7.20 -9.62
N PRO A 404 11.01 -7.64 -9.79
CA PRO A 404 12.18 -6.93 -9.24
C PRO A 404 12.26 -5.45 -9.60
N MET A 405 12.71 -4.65 -8.65
CA MET A 405 12.93 -3.22 -8.87
C MET A 405 13.95 -3.03 -9.99
N GLN A 406 13.70 -2.06 -10.86
CA GLN A 406 14.52 -1.90 -12.05
C GLN A 406 15.47 -0.72 -11.90
N TRP A 407 16.74 -1.03 -11.62
CA TRP A 407 17.73 -0.03 -11.25
C TRP A 407 18.53 0.51 -12.43
N ASP A 408 18.90 -0.37 -13.36
CA ASP A 408 19.59 0.07 -14.58
C ASP A 408 19.32 -0.86 -15.75
N ALA A 409 20.19 -0.81 -16.75
CA ALA A 409 20.02 -1.62 -17.95
C ALA A 409 20.96 -2.81 -17.98
N SER A 410 21.57 -3.13 -16.84
CA SER A 410 22.47 -4.28 -16.74
C SER A 410 21.67 -5.55 -16.50
N GLN A 411 22.39 -6.66 -16.22
CA GLN A 411 21.75 -7.95 -15.97
C GLN A 411 20.71 -7.85 -14.86
N ASN A 412 19.51 -8.38 -15.13
CA ASN A 412 18.42 -8.37 -14.16
C ASN A 412 18.08 -6.96 -13.70
N ALA A 413 18.30 -5.99 -14.58
CA ALA A 413 18.07 -4.58 -14.30
C ALA A 413 18.87 -4.09 -13.08
N GLY A 414 19.99 -4.74 -12.81
CA GLY A 414 20.83 -4.37 -11.68
C GLY A 414 20.27 -4.80 -10.34
N PHE A 415 19.20 -5.59 -10.37
CA PHE A 415 18.57 -6.08 -9.15
C PHE A 415 19.38 -7.22 -8.52
N SER A 416 19.98 -8.05 -9.37
CA SER A 416 20.71 -9.22 -8.90
C SER A 416 21.76 -9.67 -9.91
N THR A 417 22.66 -10.55 -9.47
CA THR A 417 23.64 -11.15 -10.36
C THR A 417 23.24 -12.57 -10.74
N ALA A 418 22.19 -13.07 -10.09
CA ALA A 418 21.75 -14.45 -10.27
C ALA A 418 21.23 -14.71 -11.69
N ASP A 419 21.35 -15.96 -12.13
CA ASP A 419 20.84 -16.37 -13.43
C ASP A 419 19.34 -16.06 -13.57
N LYS A 420 18.60 -16.36 -12.50
CA LYS A 420 17.17 -16.10 -12.47
C LYS A 420 16.77 -15.40 -11.18
N THR A 421 15.78 -14.52 -11.28
CA THR A 421 15.23 -13.83 -10.12
C THR A 421 13.96 -14.55 -9.66
N TRP A 422 13.55 -14.34 -8.42
CA TRP A 422 12.44 -15.10 -7.84
C TRP A 422 11.13 -14.82 -8.59
N LEU A 423 11.01 -13.60 -9.09
CA LEU A 423 10.01 -13.27 -10.10
C LEU A 423 10.76 -12.65 -11.27
N PRO A 424 10.28 -12.86 -12.50
CA PRO A 424 11.01 -12.36 -13.67
C PRO A 424 11.07 -10.84 -13.75
N VAL A 425 12.19 -10.31 -14.22
CA VAL A 425 12.33 -8.88 -14.45
C VAL A 425 11.60 -8.49 -15.72
N ASN A 426 10.80 -7.43 -15.64
CA ASN A 426 10.07 -6.95 -16.81
C ASN A 426 11.05 -6.51 -17.90
N PRO A 427 10.86 -7.02 -19.12
CA PRO A 427 11.71 -6.68 -20.27
C PRO A 427 11.81 -5.18 -20.55
N ASN A 428 10.87 -4.39 -20.05
CA ASN A 428 10.88 -2.95 -20.30
C ASN A 428 11.94 -2.22 -19.47
N TYR A 429 12.74 -2.98 -18.72
CA TYR A 429 13.74 -2.39 -17.83
C TYR A 429 14.82 -1.66 -18.62
N LYS A 430 14.99 -2.05 -19.88
CA LYS A 430 15.97 -1.42 -20.75
C LYS A 430 15.58 0.04 -21.06
N ASP A 431 14.30 0.34 -20.90
CA ASP A 431 13.79 1.70 -21.07
C ASP A 431 13.35 2.28 -19.73
N ILE A 432 12.85 1.42 -18.86
CA ILE A 432 12.32 1.85 -17.57
C ILE A 432 13.22 1.40 -16.41
N ASN A 433 14.12 2.27 -15.99
CA ASN A 433 14.99 1.97 -14.86
C ASN A 433 15.44 3.23 -14.12
N VAL A 434 15.87 3.05 -12.89
CA VAL A 434 16.24 4.17 -12.00
C VAL A 434 17.35 5.04 -12.57
N GLN A 435 18.38 4.41 -13.12
CA GLN A 435 19.52 5.16 -13.68
C GLN A 435 19.08 6.14 -14.77
N ALA A 436 18.27 5.64 -15.71
CA ALA A 436 17.76 6.46 -16.80
C ALA A 436 16.85 7.58 -16.29
N ALA A 437 16.08 7.27 -15.24
CA ALA A 437 15.16 8.25 -14.67
C ALA A 437 15.92 9.37 -13.97
N LEU A 438 16.99 9.01 -13.27
CA LEU A 438 17.82 9.99 -12.59
C LEU A 438 18.58 10.83 -13.60
N LYS A 439 18.93 10.23 -14.72
CA LYS A 439 19.65 10.95 -15.77
C LYS A 439 18.73 11.92 -16.53
N ASN A 440 17.47 11.54 -16.67
CA ASN A 440 16.50 12.38 -17.37
C ASN A 440 15.91 13.44 -16.43
N SER A 441 16.27 14.70 -16.67
CA SER A 441 15.86 15.80 -15.81
C SER A 441 14.34 15.95 -15.72
N ASN A 442 13.64 15.51 -16.76
CA ASN A 442 12.18 15.62 -16.78
C ASN A 442 11.48 14.26 -16.64
N SER A 443 12.14 13.32 -15.96
CA SER A 443 11.56 12.00 -15.75
C SER A 443 10.46 12.02 -14.69
N ILE A 444 9.76 10.91 -14.54
CA ILE A 444 8.73 10.74 -13.52
C ILE A 444 9.28 10.96 -12.12
N PHE A 445 10.52 10.49 -11.93
CA PHE A 445 11.20 10.58 -10.64
C PHE A 445 11.19 12.01 -10.12
N TYR A 446 11.53 12.96 -10.99
CA TYR A 446 11.68 14.34 -10.54
C TYR A 446 10.33 15.00 -10.30
N THR A 447 9.29 14.52 -10.97
CA THR A 447 7.93 14.95 -10.63
C THR A 447 7.62 14.53 -9.20
N TYR A 448 7.89 13.26 -8.88
CA TYR A 448 7.67 12.79 -7.52
C TYR A 448 8.52 13.54 -6.49
N GLN A 449 9.77 13.82 -6.85
CA GLN A 449 10.69 14.56 -5.98
C GLN A 449 10.15 15.96 -5.68
N GLN A 450 9.67 16.62 -6.74
CA GLN A 450 9.11 17.96 -6.61
C GLN A 450 7.88 17.96 -5.72
N LEU A 451 6.99 17.00 -5.92
CA LEU A 451 5.79 16.88 -5.11
C LEU A 451 6.15 16.69 -3.63
N ILE A 452 7.08 15.76 -3.39
CA ILE A 452 7.56 15.48 -2.04
C ILE A 452 8.12 16.74 -1.36
N GLN A 453 8.94 17.49 -2.09
CA GLN A 453 9.54 18.70 -1.52
C GLN A 453 8.48 19.77 -1.28
N LEU A 454 7.51 19.87 -2.18
CA LEU A 454 6.39 20.78 -2.01
C LEU A 454 5.67 20.50 -0.70
N ARG A 455 5.37 19.23 -0.46
CA ARG A 455 4.71 18.83 0.78
C ARG A 455 5.59 19.11 2.00
N LYS A 456 6.89 18.89 1.85
CA LYS A 456 7.82 19.10 2.94
C LYS A 456 7.99 20.57 3.31
N GLU A 457 7.78 21.47 2.35
CA GLU A 457 8.13 22.88 2.55
C GLU A 457 6.95 23.86 2.54
N ASN A 458 5.75 23.37 2.30
CA ASN A 458 4.59 24.26 2.23
C ASN A 458 3.41 23.81 3.07
N ASP A 459 3.00 24.66 4.00
CA ASP A 459 1.94 24.33 4.96
C ASP A 459 0.57 24.18 4.30
N TRP A 460 0.37 24.82 3.14
CA TRP A 460 -0.94 24.81 2.52
C TRP A 460 -1.38 23.42 2.06
N LEU A 461 -0.41 22.53 1.83
CA LEU A 461 -0.75 21.16 1.46
C LEU A 461 -1.38 20.43 2.65
N VAL A 462 -1.11 20.90 3.86
CA VAL A 462 -1.74 20.37 5.06
C VAL A 462 -2.96 21.19 5.47
N ASP A 463 -2.81 22.51 5.43
CA ASP A 463 -3.82 23.41 6.01
C ASP A 463 -5.02 23.69 5.11
N ALA A 464 -4.81 23.70 3.80
CA ALA A 464 -5.86 24.13 2.87
C ALA A 464 -6.97 23.08 2.72
N ASP A 465 -8.17 23.56 2.46
CA ASP A 465 -9.32 22.69 2.25
C ASP A 465 -9.32 22.10 0.85
N PHE A 466 -10.44 21.49 0.47
CA PHE A 466 -10.57 20.84 -0.83
C PHE A 466 -11.91 21.19 -1.45
N GLU A 467 -11.90 21.62 -2.71
CA GLU A 467 -13.14 21.89 -3.43
C GLU A 467 -13.07 21.36 -4.87
N LEU A 468 -13.92 20.39 -5.17
CA LEU A 468 -13.98 19.82 -6.51
C LEU A 468 -14.67 20.79 -7.47
N LEU A 469 -14.08 20.99 -8.64
CA LEU A 469 -14.64 21.90 -9.63
C LEU A 469 -15.47 21.15 -10.67
N PRO A 470 -16.53 21.80 -11.16
CA PRO A 470 -17.38 21.25 -12.23
C PRO A 470 -16.65 21.24 -13.56
N THR A 471 -16.18 20.08 -14.00
CA THR A 471 -15.44 19.98 -15.25
C THR A 471 -15.96 18.84 -16.11
N ALA A 472 -15.31 18.61 -17.25
CA ALA A 472 -15.62 17.47 -18.10
C ALA A 472 -15.38 16.18 -17.34
N ASP A 473 -16.03 15.10 -17.80
CA ASP A 473 -15.99 13.81 -17.11
C ASP A 473 -14.58 13.34 -16.76
N LYS A 474 -13.67 13.41 -17.73
CA LYS A 474 -12.33 12.86 -17.54
C LYS A 474 -11.32 13.92 -17.09
N VAL A 475 -11.82 15.13 -16.82
CA VAL A 475 -10.97 16.17 -16.26
C VAL A 475 -11.16 16.25 -14.75
N PHE A 476 -10.10 15.92 -14.01
CA PHE A 476 -10.11 15.99 -12.55
C PHE A 476 -9.49 17.32 -12.11
N ALA A 477 -10.33 18.23 -11.63
CA ALA A 477 -9.85 19.54 -11.23
C ALA A 477 -10.38 19.95 -9.86
N TYR A 478 -9.53 20.55 -9.04
CA TYR A 478 -9.96 21.00 -7.73
C TYR A 478 -9.17 22.20 -7.21
N LEU A 479 -9.71 22.83 -6.17
CA LEU A 479 -9.03 23.95 -5.51
C LEU A 479 -8.63 23.58 -4.09
N ARG A 480 -7.40 23.93 -3.72
CA ARG A 480 -6.98 23.92 -2.32
C ARG A 480 -6.93 25.36 -1.86
N LYS A 481 -7.73 25.70 -0.85
CA LYS A 481 -7.82 27.07 -0.40
C LYS A 481 -7.41 27.23 1.06
N VAL A 482 -6.55 28.20 1.32
CA VAL A 482 -6.22 28.55 2.71
C VAL A 482 -5.96 30.04 2.83
N ARG A 483 -6.65 30.69 3.76
CA ARG A 483 -6.65 32.15 3.89
C ARG A 483 -7.08 32.77 2.56
N GLU A 484 -6.19 33.51 1.91
CA GLU A 484 -6.51 34.11 0.62
C GLU A 484 -5.86 33.34 -0.53
N GLU A 485 -5.00 32.39 -0.16
CA GLU A 485 -4.29 31.56 -1.14
C GLU A 485 -5.20 30.53 -1.80
N ARG A 486 -5.19 30.56 -3.13
CA ARG A 486 -5.97 29.65 -3.97
C ARG A 486 -5.08 28.85 -4.89
N TYR A 487 -5.11 27.53 -4.75
CA TYR A 487 -4.31 26.65 -5.58
C TYR A 487 -5.18 25.78 -6.47
N LEU A 488 -5.06 25.98 -7.78
CA LEU A 488 -5.82 25.20 -8.74
C LEU A 488 -5.03 24.02 -9.25
N ILE A 489 -5.63 22.84 -9.16
CA ILE A 489 -5.03 21.62 -9.68
C ILE A 489 -5.91 21.10 -10.82
N VAL A 490 -5.30 20.92 -11.98
CA VAL A 490 -6.02 20.44 -13.16
C VAL A 490 -5.30 19.25 -13.78
N VAL A 491 -6.01 18.12 -13.89
CA VAL A 491 -5.43 16.91 -14.45
C VAL A 491 -6.34 16.29 -15.49
N ASN A 492 -5.84 16.15 -16.71
CA ASN A 492 -6.59 15.46 -17.76
C ASN A 492 -6.39 13.95 -17.67
N VAL A 493 -7.30 13.27 -16.98
CA VAL A 493 -7.16 11.83 -16.78
C VAL A 493 -7.71 11.06 -18.00
N SER A 494 -7.05 11.21 -19.14
CA SER A 494 -7.47 10.52 -20.36
C SER A 494 -6.40 10.56 -21.45
N ASP A 495 -6.54 9.68 -22.43
CA ASP A 495 -5.65 9.65 -23.58
C ASP A 495 -6.12 10.62 -24.66
N GLN A 496 -7.22 11.31 -24.38
CA GLN A 496 -7.84 12.19 -25.36
C GLN A 496 -7.74 13.66 -24.97
N GLU A 497 -7.77 14.54 -25.97
CA GLU A 497 -7.79 15.97 -25.75
C GLU A 497 -9.12 16.39 -25.13
N GLU A 498 -9.07 17.12 -24.03
CA GLU A 498 -10.27 17.51 -23.31
C GLU A 498 -10.40 19.03 -23.18
N VAL A 499 -11.63 19.50 -22.97
CA VAL A 499 -11.90 20.92 -22.91
C VAL A 499 -11.71 21.46 -21.48
N LEU A 500 -11.24 22.69 -21.38
CA LEU A 500 -11.06 23.34 -20.09
C LEU A 500 -11.68 24.74 -20.13
N GLU A 501 -12.93 24.86 -19.69
CA GLU A 501 -13.64 26.13 -19.78
C GLU A 501 -13.66 26.87 -18.46
N ILE A 502 -12.48 27.24 -17.98
CA ILE A 502 -12.37 28.08 -16.80
C ILE A 502 -11.47 29.28 -17.10
N ASP A 503 -11.73 30.38 -16.40
CA ASP A 503 -10.90 31.58 -16.55
C ASP A 503 -10.35 32.01 -15.21
N VAL A 504 -9.03 31.97 -15.09
CA VAL A 504 -8.36 32.34 -13.85
C VAL A 504 -7.20 33.29 -14.10
N ASP A 505 -6.77 33.98 -13.05
CA ASP A 505 -5.58 34.80 -13.12
C ASP A 505 -4.40 34.05 -12.52
N LYS A 506 -3.62 33.41 -13.39
CA LYS A 506 -2.49 32.61 -12.95
C LYS A 506 -1.43 33.49 -12.29
N GLN A 507 -1.15 33.22 -11.02
CA GLN A 507 -0.09 33.94 -10.32
C GLN A 507 1.23 33.23 -10.52
N GLU A 508 1.27 31.92 -10.27
CA GLU A 508 2.50 31.18 -10.51
C GLU A 508 2.27 29.68 -10.72
N THR A 509 3.25 29.01 -11.30
CA THR A 509 3.17 27.56 -11.50
C THR A 509 3.99 26.82 -10.45
N LEU A 510 3.34 25.91 -9.73
CA LEU A 510 4.04 25.11 -8.72
C LEU A 510 4.63 23.85 -9.34
N ILE A 511 3.88 23.22 -10.23
CA ILE A 511 4.35 22.04 -10.94
C ILE A 511 3.50 21.80 -12.18
N SER A 512 4.12 21.28 -13.24
CA SER A 512 3.42 21.04 -14.50
C SER A 512 4.17 20.05 -15.38
N ASN A 513 3.44 19.15 -16.03
CA ASN A 513 4.04 18.20 -16.95
C ASN A 513 3.87 18.64 -18.40
N THR A 514 3.43 19.88 -18.58
CA THR A 514 3.06 20.38 -19.90
C THR A 514 3.08 21.90 -19.95
N ASN A 515 2.55 22.45 -21.04
CA ASN A 515 2.42 23.90 -21.17
C ASN A 515 1.09 24.36 -20.57
N GLU A 516 1.12 24.71 -19.29
CA GLU A 516 -0.09 25.11 -18.58
C GLU A 516 -0.65 26.42 -19.15
N SER A 517 0.23 27.29 -19.61
CA SER A 517 -0.17 28.58 -20.18
C SER A 517 -0.98 28.38 -21.45
N ALA A 518 -0.50 27.50 -22.32
CA ALA A 518 -1.19 27.20 -23.57
C ALA A 518 -2.52 26.51 -23.32
N ALA A 519 -2.56 25.69 -22.27
CA ALA A 519 -3.79 24.98 -21.90
C ALA A 519 -4.84 25.97 -21.42
N LEU A 520 -4.43 26.93 -20.58
CA LEU A 520 -5.35 27.94 -20.08
C LEU A 520 -5.81 28.89 -21.19
N ALA A 521 -4.87 29.22 -22.09
CA ALA A 521 -5.16 30.15 -23.17
C ALA A 521 -6.11 29.55 -24.21
N ASN A 522 -5.83 28.31 -24.61
CA ASN A 522 -6.63 27.67 -25.66
C ASN A 522 -7.86 26.94 -25.10
N HIS A 523 -8.03 27.00 -23.79
CA HIS A 523 -9.16 26.37 -23.11
C HIS A 523 -9.29 24.89 -23.44
N LYS A 524 -8.15 24.24 -23.69
CA LYS A 524 -8.14 22.83 -24.00
C LYS A 524 -6.94 22.13 -23.38
N LEU A 525 -7.14 20.88 -22.98
CA LEU A 525 -6.08 20.10 -22.36
C LEU A 525 -5.61 18.98 -23.28
N GLN A 526 -4.31 18.91 -23.51
CA GLN A 526 -3.72 17.79 -24.22
C GLN A 526 -3.85 16.56 -23.32
N PRO A 527 -3.79 15.35 -23.92
CA PRO A 527 -3.90 14.12 -23.12
C PRO A 527 -2.92 14.08 -21.95
N TRP A 528 -3.44 13.75 -20.77
CA TRP A 528 -2.66 13.62 -19.54
C TRP A 528 -1.96 14.91 -19.13
N ASP A 529 -2.49 16.04 -19.59
CA ASP A 529 -2.06 17.34 -19.08
C ASP A 529 -2.35 17.41 -17.59
N ALA A 530 -1.36 17.87 -16.82
CA ALA A 530 -1.53 18.01 -15.39
C ALA A 530 -0.68 19.14 -14.85
N PHE A 531 -1.30 20.05 -14.09
CA PHE A 531 -0.57 21.13 -13.48
C PHE A 531 -1.23 21.65 -12.22
N CYS A 532 -0.43 22.31 -11.39
CA CYS A 532 -0.93 23.06 -10.25
C CYS A 532 -0.44 24.49 -10.34
N ILE A 533 -1.37 25.43 -10.31
CA ILE A 533 -1.03 26.85 -10.37
C ILE A 533 -1.68 27.63 -9.24
N LYS A 534 -0.92 28.50 -8.61
CA LYS A 534 -1.47 29.44 -7.66
C LYS A 534 -2.15 30.55 -8.45
N ILE A 535 -3.44 30.75 -8.17
CA ILE A 535 -4.25 31.72 -8.89
C ILE A 535 -4.80 32.81 -7.96
N LEU A 536 -5.29 33.88 -8.55
CA LEU A 536 -5.88 34.98 -7.79
C LEU A 536 -7.37 34.72 -7.51
CA CA B . -8.99 -37.35 14.84
CA CA C . 19.40 -12.03 -1.58
CA CA D . 25.91 -14.63 -11.91
CA CA E . 19.80 15.26 -16.37
O1 P6G F . 11.95 15.07 11.23
C2 P6G F . 11.50 13.76 11.06
C3 P6G F . 12.40 13.05 10.05
O4 P6G F . 12.79 11.79 10.57
C5 P6G F . 14.11 11.77 11.08
C6 P6G F . 14.64 10.31 11.09
O7 P6G F . 14.74 9.84 12.42
C8 P6G F . 14.65 8.42 12.56
C9 P6G F . 14.52 8.04 14.05
O10 P6G F . 13.20 7.65 14.34
C11 P6G F . 12.78 8.00 15.65
C12 P6G F . 11.38 7.48 15.93
O13 P6G F . 10.41 8.45 15.51
C14 P6G F . 10.34 9.62 16.36
C15 P6G F . 9.41 10.66 15.71
O16 P6G F . 9.68 11.93 16.22
C17 P6G F . 11.01 12.42 15.98
C18 P6G F . 11.05 13.15 14.65
O19 P6G F . 12.40 13.34 14.27
#